data_9HFP
#
_entry.id   9HFP
#
_cell.length_a   90.968
_cell.length_b   90.968
_cell.length_c   338.333
_cell.angle_alpha   90
_cell.angle_beta   90
_cell.angle_gamma   120
#
_symmetry.space_group_name_H-M   'P 62 2 2'
#
loop_
_entity.id
_entity.type
_entity.pdbx_description
1 polymer 'Rho-associated protein kinase 2'
2 non-polymer ~{N}-[4-[(3~{R})-piperidin-3-yl]oxyphenyl]-1~{H}-pyrrolo[2,3-b]pyridin-4-amine
#
_entity_poly.entity_id   1
_entity_poly.type   'polypeptide(L)'
_entity_poly.pdbx_seq_one_letter_code
;AGASRQRKLEALIRDPRSPINVESLLDGLNSLVLDLDFPALRKNKNIDNFLNRYEKIVKKIRGLQMKAEDYDVVKVIGRG
AFGEVQLVRHKASQKVYAMKLLSKFEMIKRSDSAFFWEERDIMAFANSPWVVQLFYAFQDDRYLYMVMEYMPGGDLVNLM
SNYDVPEKWAKFYTAEVVLALDAIHSMGLIHRDVKPDNMLLDKHGHLKLADFGTCMKMDETGMVHCDTAVGTPDYISPEV
LKSQGGDGFYGRECDWWSVGVFLYEMLVGDTPFYADSLVGTYSKIMDHKNSLCFPEDAEISKHAKNLICAFLTDREVRLG
RNGVEEIRQHPFFKNDQWHWDNIRETAAPVVPELSSDIDSSNFDDIEDDKGDVETFPIPKAFVGNQLPFIGFTYYR
;
_entity_poly.pdbx_strand_id   A
#
loop_
_chem_comp.id
_chem_comp.type
_chem_comp.name
_chem_comp.formula
A1IUI non-polymer ~{N}-[4-[(3~{R})-piperidin-3-yl]oxyphenyl]-1~{H}-pyrrolo[2,3-b]pyridin-4-amine 'C18 H20 N4 O'
#
# COMPACT_ATOMS: atom_id res chain seq x y z
N GLY A 2 -14.51 27.61 28.21
CA GLY A 2 -15.73 28.25 28.67
C GLY A 2 -16.51 28.90 27.54
N ALA A 3 -17.76 28.44 27.32
CA ALA A 3 -18.71 28.84 26.24
C ALA A 3 -18.24 28.34 24.83
N SER A 4 -17.04 28.74 24.37
CA SER A 4 -16.50 28.27 23.09
C SER A 4 -16.07 26.79 23.13
N ARG A 5 -16.25 26.09 24.27
CA ARG A 5 -15.90 24.67 24.42
C ARG A 5 -16.76 23.79 23.54
N GLN A 6 -18.03 24.18 23.29
CA GLN A 6 -18.93 23.43 22.43
C GLN A 6 -18.52 23.59 20.97
N ARG A 7 -18.10 24.81 20.58
CA ARG A 7 -17.61 25.09 19.23
C ARG A 7 -16.26 24.38 18.99
N LYS A 8 -15.41 24.30 20.03
CA LYS A 8 -14.13 23.61 19.97
C LYS A 8 -14.34 22.11 19.86
N LEU A 9 -15.36 21.58 20.54
CA LEU A 9 -15.70 20.16 20.51
C LEU A 9 -16.26 19.80 19.13
N GLU A 10 -17.14 20.67 18.59
CA GLU A 10 -17.76 20.48 17.28
C GLU A 10 -16.71 20.51 16.16
N ALA A 11 -15.65 21.29 16.34
CA ALA A 11 -14.56 21.38 15.38
C ALA A 11 -13.84 20.03 15.26
N LEU A 12 -13.75 19.26 16.35
CA LEU A 12 -13.12 17.94 16.31
C LEU A 12 -13.93 16.92 15.54
N ILE A 13 -15.26 17.03 15.61
CA ILE A 13 -16.15 16.11 14.93
C ILE A 13 -16.25 16.41 13.41
N ARG A 14 -15.97 17.67 13.01
CA ARG A 14 -15.95 18.09 11.61
C ARG A 14 -14.61 17.76 10.90
N ASP A 15 -13.54 17.51 11.67
CA ASP A 15 -12.21 17.21 11.12
C ASP A 15 -12.11 15.74 10.71
N PRO A 16 -11.88 15.46 9.41
CA PRO A 16 -11.74 14.06 8.94
C PRO A 16 -10.47 13.36 9.44
N ARG A 17 -9.46 14.14 9.87
CA ARG A 17 -8.22 13.62 10.44
C ARG A 17 -8.48 13.11 11.89
N SER A 18 -9.36 13.82 12.64
CA SER A 18 -9.75 13.47 14.02
C SER A 18 -10.40 12.10 14.08
N PRO A 19 -10.09 11.31 15.11
CA PRO A 19 -10.71 9.98 15.21
C PRO A 19 -12.13 9.98 15.78
N ILE A 20 -12.67 11.17 16.10
CA ILE A 20 -14.02 11.26 16.64
C ILE A 20 -14.94 12.03 15.68
N ASN A 21 -14.75 11.85 14.37
CA ASN A 21 -15.69 12.44 13.41
C ASN A 21 -16.99 11.57 13.37
N VAL A 22 -18.08 12.09 12.79
CA VAL A 22 -19.37 11.40 12.75
C VAL A 22 -19.27 9.95 12.27
N GLU A 23 -18.54 9.68 11.18
CA GLU A 23 -18.41 8.33 10.64
C GLU A 23 -17.71 7.37 11.58
N SER A 24 -16.76 7.89 12.40
CA SER A 24 -16.00 7.13 13.39
C SER A 24 -16.85 6.82 14.61
N LEU A 25 -17.70 7.80 15.00
CA LEU A 25 -18.64 7.64 16.11
C LEU A 25 -19.74 6.67 15.69
N LEU A 26 -20.21 6.76 14.44
CA LEU A 26 -21.19 5.82 13.88
C LEU A 26 -20.63 4.42 13.77
N ASP A 27 -19.32 4.26 13.56
CA ASP A 27 -18.65 2.96 13.51
C ASP A 27 -18.65 2.38 14.92
N GLY A 28 -18.33 3.22 15.92
CA GLY A 28 -18.32 2.83 17.32
C GLY A 28 -19.63 2.24 17.78
N LEU A 29 -20.74 2.62 17.14
CA LEU A 29 -22.04 2.08 17.48
C LEU A 29 -22.29 0.77 16.72
N ASN A 30 -21.99 0.74 15.44
CA ASN A 30 -22.19 -0.43 14.62
C ASN A 30 -21.35 -1.60 15.08
N SER A 31 -20.11 -1.32 15.51
CA SER A 31 -19.18 -2.34 16.00
C SER A 31 -19.68 -2.92 17.32
N LEU A 32 -20.25 -2.07 18.17
CA LEU A 32 -20.80 -2.50 19.44
C LEU A 32 -22.01 -3.38 19.23
N VAL A 33 -22.92 -3.00 18.32
CA VAL A 33 -24.10 -3.80 18.00
C VAL A 33 -23.72 -5.15 17.36
N LEU A 34 -22.71 -5.16 16.47
CA LEU A 34 -22.26 -6.40 15.83
C LEU A 34 -21.61 -7.35 16.84
N ASP A 35 -20.85 -6.79 17.78
CA ASP A 35 -20.14 -7.58 18.76
C ASP A 35 -20.91 -7.92 20.03
N LEU A 36 -22.19 -7.55 20.11
CA LEU A 36 -23.01 -7.88 21.27
C LEU A 36 -24.24 -8.70 20.88
N ASP A 37 -24.68 -8.61 19.61
CA ASP A 37 -25.87 -9.31 19.11
C ASP A 37 -25.68 -10.82 18.91
N PHE A 38 -25.67 -11.57 20.01
CA PHE A 38 -25.54 -13.03 20.04
C PHE A 38 -26.45 -13.56 21.15
N PRO A 39 -27.02 -14.77 20.98
CA PRO A 39 -27.86 -15.32 22.05
C PRO A 39 -27.13 -15.37 23.42
N ALA A 40 -25.87 -15.87 23.41
CA ALA A 40 -24.99 -16.03 24.57
C ALA A 40 -24.76 -14.72 25.38
N LEU A 41 -24.38 -13.63 24.68
CA LEU A 41 -24.08 -12.35 25.31
C LEU A 41 -25.35 -11.65 25.78
N ARG A 42 -26.48 -11.84 25.07
CA ARG A 42 -27.74 -11.21 25.44
C ARG A 42 -28.37 -11.75 26.74
N LYS A 43 -27.70 -12.72 27.41
CA LYS A 43 -28.08 -13.18 28.74
C LYS A 43 -27.87 -12.02 29.76
N ASN A 44 -26.95 -11.06 29.44
CA ASN A 44 -26.65 -9.86 30.22
C ASN A 44 -27.80 -8.84 30.09
N LYS A 45 -28.38 -8.44 31.23
CA LYS A 45 -29.48 -7.49 31.27
C LYS A 45 -29.07 -6.13 30.67
N ASN A 46 -27.81 -5.74 30.84
CA ASN A 46 -27.33 -4.47 30.29
C ASN A 46 -27.28 -4.55 28.77
N ILE A 47 -26.70 -5.64 28.23
CA ILE A 47 -26.52 -5.85 26.80
C ILE A 47 -27.85 -5.96 26.07
N ASP A 48 -28.75 -6.84 26.55
CA ASP A 48 -30.06 -7.04 25.93
C ASP A 48 -30.89 -5.75 25.83
N ASN A 49 -30.91 -4.90 26.88
CA ASN A 49 -31.67 -3.66 26.83
C ASN A 49 -31.02 -2.60 25.96
N PHE A 50 -29.68 -2.64 25.86
CA PHE A 50 -28.95 -1.72 24.99
C PHE A 50 -29.29 -2.05 23.53
N LEU A 51 -29.28 -3.36 23.20
CA LEU A 51 -29.56 -3.81 21.84
C LEU A 51 -30.99 -3.57 21.43
N ASN A 52 -31.95 -3.75 22.33
CA ASN A 52 -33.36 -3.53 22.02
C ASN A 52 -33.66 -2.12 21.55
N ARG A 53 -32.94 -1.12 22.08
CA ARG A 53 -33.16 0.26 21.67
C ARG A 53 -32.27 0.74 20.54
N TYR A 54 -31.35 -0.10 20.04
CA TYR A 54 -30.45 0.33 18.96
C TYR A 54 -30.45 -0.60 17.74
N GLU A 55 -31.03 -1.80 17.84
CA GLU A 55 -31.08 -2.76 16.74
C GLU A 55 -31.72 -2.17 15.48
N LYS A 56 -32.97 -1.69 15.58
CA LYS A 56 -33.68 -1.13 14.44
C LYS A 56 -32.89 0.00 13.75
N ILE A 57 -32.49 1.02 14.52
CA ILE A 57 -31.77 2.16 13.98
C ILE A 57 -30.38 1.81 13.41
N VAL A 58 -29.66 0.82 13.98
CA VAL A 58 -28.36 0.45 13.43
C VAL A 58 -28.55 -0.18 12.05
N LYS A 59 -29.56 -1.06 11.90
CA LYS A 59 -29.86 -1.70 10.63
C LYS A 59 -30.35 -0.70 9.57
N LYS A 60 -30.97 0.40 9.99
CA LYS A 60 -31.40 1.46 9.07
C LYS A 60 -30.19 2.26 8.60
N ILE A 61 -29.24 2.54 9.51
CA ILE A 61 -28.00 3.28 9.27
C ILE A 61 -27.08 2.52 8.28
N ARG A 62 -26.95 1.19 8.43
CA ARG A 62 -26.13 0.36 7.54
C ARG A 62 -26.64 0.46 6.09
N GLY A 63 -27.96 0.38 5.92
CA GLY A 63 -28.61 0.46 4.61
C GLY A 63 -28.59 1.82 3.98
N LEU A 64 -28.56 2.86 4.82
CA LEU A 64 -28.50 4.25 4.38
C LEU A 64 -27.09 4.61 3.92
N GLN A 65 -26.06 4.07 4.58
CA GLN A 65 -24.66 4.33 4.27
C GLN A 65 -24.18 3.60 3.02
N MET A 66 -23.03 4.04 2.44
CA MET A 66 -22.42 3.42 1.26
C MET A 66 -22.17 1.96 1.50
N LYS A 67 -22.56 1.12 0.53
CA LYS A 67 -22.45 -0.32 0.69
C LYS A 67 -21.86 -0.99 -0.55
N ALA A 68 -21.38 -2.22 -0.37
CA ALA A 68 -20.81 -3.03 -1.43
C ALA A 68 -21.76 -3.17 -2.64
N GLU A 69 -23.06 -3.16 -2.37
CA GLU A 69 -24.12 -3.30 -3.37
C GLU A 69 -24.24 -2.10 -4.32
N ASP A 70 -23.62 -0.95 -3.98
CA ASP A 70 -23.67 0.23 -4.84
C ASP A 70 -22.71 0.16 -6.04
N TYR A 71 -21.93 -0.92 -6.15
CA TYR A 71 -20.96 -1.10 -7.22
C TYR A 71 -21.21 -2.38 -8.02
N ASP A 72 -20.86 -2.34 -9.29
CA ASP A 72 -20.98 -3.46 -10.19
C ASP A 72 -19.58 -3.99 -10.33
N VAL A 73 -19.32 -5.25 -9.92
CA VAL A 73 -17.98 -5.81 -10.11
C VAL A 73 -17.83 -6.11 -11.59
N VAL A 74 -16.83 -5.50 -12.21
CA VAL A 74 -16.57 -5.66 -13.63
C VAL A 74 -15.61 -6.81 -13.82
N LYS A 75 -14.54 -6.84 -13.04
CA LYS A 75 -13.54 -7.90 -13.17
C LYS A 75 -12.66 -7.93 -11.94
N VAL A 76 -12.20 -9.13 -11.53
CA VAL A 76 -11.28 -9.23 -10.42
C VAL A 76 -9.90 -9.16 -11.05
N ILE A 77 -9.10 -8.14 -10.69
CA ILE A 77 -7.81 -7.95 -11.33
C ILE A 77 -6.60 -8.31 -10.43
N GLY A 78 -6.82 -8.36 -9.14
CA GLY A 78 -5.76 -8.71 -8.19
C GLY A 78 -6.27 -9.64 -7.12
N ARG A 79 -5.36 -10.30 -6.36
CA ARG A 79 -5.80 -11.22 -5.30
C ARG A 79 -4.73 -11.57 -4.28
N GLY A 80 -4.50 -10.68 -3.33
CA GLY A 80 -3.55 -10.92 -2.25
C GLY A 80 -4.03 -11.94 -1.25
N ALA A 81 -3.24 -12.19 -0.19
CA ALA A 81 -3.62 -13.14 0.84
C ALA A 81 -4.80 -12.64 1.72
N PHE A 82 -5.00 -11.32 1.77
CA PHE A 82 -6.07 -10.75 2.57
C PHE A 82 -7.35 -10.46 1.78
N GLY A 83 -7.28 -10.40 0.46
CA GLY A 83 -8.46 -10.15 -0.35
C GLY A 83 -8.16 -9.66 -1.74
N GLU A 84 -9.20 -9.57 -2.57
CA GLU A 84 -9.08 -9.16 -3.96
C GLU A 84 -9.24 -7.65 -4.25
N VAL A 85 -8.66 -7.20 -5.37
CA VAL A 85 -8.78 -5.86 -5.90
C VAL A 85 -9.74 -6.02 -7.08
N GLN A 86 -10.86 -5.29 -7.06
CA GLN A 86 -11.87 -5.42 -8.10
C GLN A 86 -12.06 -4.15 -8.91
N LEU A 87 -12.23 -4.30 -10.21
CA LEU A 87 -12.52 -3.20 -11.11
C LEU A 87 -14.04 -3.04 -11.02
N VAL A 88 -14.52 -1.97 -10.37
CA VAL A 88 -15.95 -1.77 -10.13
C VAL A 88 -16.51 -0.51 -10.80
N ARG A 89 -17.84 -0.46 -10.98
CA ARG A 89 -18.49 0.69 -11.56
C ARG A 89 -19.63 1.14 -10.64
N HIS A 90 -19.59 2.40 -10.14
CA HIS A 90 -20.64 2.92 -9.25
C HIS A 90 -21.97 2.99 -9.99
N LYS A 91 -22.97 2.27 -9.47
CA LYS A 91 -24.27 2.19 -10.10
C LYS A 91 -24.93 3.56 -10.39
N ALA A 92 -24.83 4.49 -9.43
CA ALA A 92 -25.42 5.82 -9.61
C ALA A 92 -24.58 6.75 -10.48
N SER A 93 -23.26 6.87 -10.22
CA SER A 93 -22.43 7.80 -10.97
C SER A 93 -21.91 7.27 -12.32
N GLN A 94 -22.01 5.94 -12.54
CA GLN A 94 -21.49 5.24 -13.73
C GLN A 94 -19.96 5.41 -13.86
N LYS A 95 -19.27 5.61 -12.72
CA LYS A 95 -17.84 5.86 -12.65
C LYS A 95 -17.05 4.63 -12.28
N VAL A 96 -15.92 4.43 -12.96
CA VAL A 96 -15.08 3.26 -12.74
C VAL A 96 -13.93 3.50 -11.75
N TYR A 97 -13.99 2.80 -10.62
CA TYR A 97 -12.98 2.85 -9.59
C TYR A 97 -12.38 1.43 -9.44
N ALA A 98 -11.29 1.28 -8.66
CA ALA A 98 -10.69 0.00 -8.31
C ALA A 98 -10.92 -0.11 -6.83
N MET A 99 -11.53 -1.19 -6.38
CA MET A 99 -11.91 -1.38 -4.99
C MET A 99 -11.18 -2.52 -4.37
N LYS A 100 -10.43 -2.26 -3.29
CA LYS A 100 -9.72 -3.33 -2.57
C LYS A 100 -10.58 -3.84 -1.42
N LEU A 101 -10.71 -5.16 -1.26
CA LEU A 101 -11.47 -5.82 -0.19
C LEU A 101 -10.46 -6.47 0.74
N LEU A 102 -10.54 -6.18 2.02
CA LEU A 102 -9.67 -6.81 2.98
C LEU A 102 -10.55 -7.58 3.91
N SER A 103 -10.31 -8.89 4.01
CA SER A 103 -11.07 -9.78 4.89
C SER A 103 -10.87 -9.37 6.31
N LYS A 104 -11.98 -9.05 6.97
CA LYS A 104 -11.99 -8.73 8.40
C LYS A 104 -11.63 -10.04 9.16
N PHE A 105 -12.07 -11.23 8.64
CA PHE A 105 -11.71 -12.50 9.25
C PHE A 105 -10.21 -12.75 9.23
N GLU A 106 -9.57 -12.80 8.04
CA GLU A 106 -8.13 -13.05 7.95
C GLU A 106 -7.28 -11.91 8.51
N MET A 107 -7.72 -10.64 8.38
CA MET A 107 -6.95 -9.52 8.93
C MET A 107 -6.91 -9.64 10.47
N ILE A 108 -8.04 -10.02 11.11
CA ILE A 108 -8.06 -10.23 12.55
C ILE A 108 -7.37 -11.56 12.94
N LYS A 109 -7.69 -12.65 12.21
CA LYS A 109 -7.16 -14.02 12.39
C LYS A 109 -5.61 -14.12 12.35
N ARG A 110 -4.96 -13.46 11.38
CA ARG A 110 -3.48 -13.46 11.32
C ARG A 110 -2.85 -12.36 12.21
N SER A 111 -3.66 -11.75 13.13
CA SER A 111 -3.32 -10.69 14.09
C SER A 111 -3.12 -9.31 13.44
N ASP A 112 -3.11 -9.25 12.09
CA ASP A 112 -2.89 -8.03 11.32
C ASP A 112 -4.15 -7.10 11.30
N SER A 113 -4.17 -6.09 12.18
CA SER A 113 -5.33 -5.20 12.30
C SER A 113 -4.93 -3.71 12.39
N ALA A 114 -3.77 -3.35 11.81
CA ALA A 114 -3.30 -1.96 11.83
C ALA A 114 -2.59 -1.54 10.52
N PHE A 115 -2.07 -2.52 9.75
CA PHE A 115 -1.38 -2.30 8.47
C PHE A 115 -2.20 -1.40 7.53
N PHE A 116 -3.54 -1.51 7.60
CA PHE A 116 -4.46 -0.76 6.75
C PHE A 116 -4.63 0.71 7.15
N TRP A 117 -4.28 1.08 8.39
CA TRP A 117 -4.42 2.44 8.89
C TRP A 117 -3.57 3.42 8.15
N GLU A 118 -2.30 3.10 7.99
CA GLU A 118 -1.38 3.95 7.27
C GLU A 118 -1.73 4.00 5.78
N GLU A 119 -2.21 2.88 5.23
CA GLU A 119 -2.64 2.81 3.84
C GLU A 119 -3.82 3.76 3.64
N ARG A 120 -4.79 3.71 4.56
CA ARG A 120 -5.98 4.55 4.55
C ARG A 120 -5.59 6.00 4.61
N ASP A 121 -4.78 6.40 5.59
CA ASP A 121 -4.36 7.78 5.74
C ASP A 121 -3.49 8.30 4.60
N ILE A 122 -2.58 7.47 4.06
CA ILE A 122 -1.72 7.87 2.95
C ILE A 122 -2.58 8.14 1.73
N MET A 123 -3.51 7.23 1.40
CA MET A 123 -4.33 7.39 0.22
C MET A 123 -5.35 8.47 0.36
N ALA A 124 -6.00 8.54 1.52
CA ALA A 124 -7.03 9.54 1.75
C ALA A 124 -6.49 10.93 1.85
N PHE A 125 -5.31 11.10 2.47
CA PHE A 125 -4.80 12.46 2.73
C PHE A 125 -3.46 12.87 2.12
N ALA A 126 -2.78 12.04 1.32
CA ALA A 126 -1.48 12.41 0.79
C ALA A 126 -1.59 13.57 -0.17
N ASN A 127 -2.62 13.55 -1.04
CA ASN A 127 -2.78 14.58 -2.06
C ASN A 127 -1.57 14.67 -3.03
N SER A 128 -0.79 13.58 -3.14
CA SER A 128 0.39 13.57 -4.00
C SER A 128 0.03 12.92 -5.32
N PRO A 129 0.59 13.43 -6.42
CA PRO A 129 0.40 12.75 -7.71
C PRO A 129 1.10 11.37 -7.75
N TRP A 130 1.97 11.06 -6.77
CA TRP A 130 2.69 9.80 -6.71
C TRP A 130 2.02 8.70 -5.93
N VAL A 131 0.89 8.99 -5.28
CA VAL A 131 0.15 8.06 -4.44
C VAL A 131 -1.29 7.91 -4.97
N VAL A 132 -1.74 6.67 -5.17
CA VAL A 132 -3.10 6.37 -5.62
C VAL A 132 -4.10 6.91 -4.58
N GLN A 133 -5.06 7.70 -5.04
CA GLN A 133 -6.06 8.33 -4.20
C GLN A 133 -7.19 7.41 -3.71
N LEU A 134 -7.57 7.55 -2.45
CA LEU A 134 -8.67 6.82 -1.84
C LEU A 134 -9.88 7.76 -1.81
N PHE A 135 -10.97 7.39 -2.47
CA PHE A 135 -12.19 8.19 -2.51
C PHE A 135 -13.13 7.83 -1.36
N TYR A 136 -13.36 6.53 -1.11
CA TYR A 136 -14.25 6.10 -0.05
C TYR A 136 -13.74 4.87 0.60
N ALA A 137 -13.75 4.86 1.91
CA ALA A 137 -13.44 3.68 2.67
C ALA A 137 -14.71 3.39 3.43
N PHE A 138 -15.20 2.18 3.31
CA PHE A 138 -16.38 1.74 4.02
C PHE A 138 -16.16 0.28 4.48
N GLN A 139 -17.16 -0.32 5.14
CA GLN A 139 -17.00 -1.69 5.63
C GLN A 139 -18.35 -2.37 5.91
N ASP A 140 -18.32 -3.69 5.96
CA ASP A 140 -19.46 -4.52 6.31
C ASP A 140 -18.96 -5.60 7.31
N ASP A 141 -19.87 -6.37 7.92
CA ASP A 141 -19.50 -7.39 8.90
C ASP A 141 -18.27 -8.27 8.53
N ARG A 142 -18.07 -8.55 7.21
CA ARG A 142 -17.02 -9.45 6.74
C ARG A 142 -15.80 -8.79 6.03
N TYR A 143 -15.95 -7.60 5.47
CA TYR A 143 -14.86 -6.95 4.71
C TYR A 143 -14.70 -5.45 4.93
N LEU A 144 -13.47 -4.95 4.70
CA LEU A 144 -13.13 -3.53 4.60
C LEU A 144 -13.14 -3.20 3.09
N TYR A 145 -13.47 -1.98 2.72
CA TYR A 145 -13.54 -1.63 1.31
C TYR A 145 -12.86 -0.32 1.01
N MET A 146 -11.90 -0.36 0.09
CA MET A 146 -11.19 0.85 -0.27
C MET A 146 -11.43 1.18 -1.75
N VAL A 147 -12.27 2.19 -2.00
CA VAL A 147 -12.59 2.61 -3.34
C VAL A 147 -11.53 3.63 -3.80
N MET A 148 -10.60 3.19 -4.66
CA MET A 148 -9.45 3.98 -5.10
C MET A 148 -9.45 4.26 -6.60
N GLU A 149 -8.59 5.20 -7.07
CA GLU A 149 -8.53 5.47 -8.50
C GLU A 149 -7.97 4.26 -9.23
N TYR A 150 -8.63 3.89 -10.32
CA TYR A 150 -8.25 2.74 -11.10
C TYR A 150 -7.07 3.12 -11.96
N MET A 151 -5.98 2.36 -11.83
CA MET A 151 -4.72 2.51 -12.55
C MET A 151 -4.74 1.56 -13.69
N PRO A 152 -5.15 2.02 -14.88
CA PRO A 152 -5.38 1.09 -15.99
C PRO A 152 -4.20 0.52 -16.72
N GLY A 153 -3.00 1.04 -16.49
CA GLY A 153 -1.81 0.57 -17.21
C GLY A 153 -1.10 -0.65 -16.62
N GLY A 154 -1.58 -1.14 -15.48
CA GLY A 154 -0.97 -2.30 -14.83
C GLY A 154 0.26 -1.98 -14.01
N ASP A 155 0.99 -3.00 -13.57
CA ASP A 155 2.19 -2.79 -12.76
C ASP A 155 3.52 -2.89 -13.56
N LEU A 156 4.67 -2.54 -12.92
CA LEU A 156 5.95 -2.63 -13.63
C LEU A 156 6.40 -4.06 -13.90
N VAL A 157 5.88 -5.03 -13.15
CA VAL A 157 6.12 -6.44 -13.42
C VAL A 157 5.59 -6.80 -14.85
N ASN A 158 4.34 -6.38 -15.15
CA ASN A 158 3.73 -6.58 -16.44
C ASN A 158 4.53 -5.87 -17.53
N LEU A 159 5.00 -4.63 -17.28
CA LEU A 159 5.79 -3.91 -18.27
C LEU A 159 7.08 -4.65 -18.59
N MET A 160 7.84 -5.01 -17.55
CA MET A 160 9.10 -5.73 -17.70
C MET A 160 8.91 -7.06 -18.43
N SER A 161 7.76 -7.72 -18.21
CA SER A 161 7.47 -8.98 -18.89
C SER A 161 7.17 -8.78 -20.38
N ASN A 162 6.67 -7.59 -20.77
CA ASN A 162 6.35 -7.33 -22.16
C ASN A 162 7.44 -6.61 -22.92
N TYR A 163 8.39 -5.97 -22.23
CA TYR A 163 9.44 -5.22 -22.91
C TYR A 163 10.86 -5.47 -22.41
N ASP A 164 11.82 -5.29 -23.32
CA ASP A 164 13.24 -5.31 -23.02
C ASP A 164 13.44 -3.86 -22.64
N VAL A 165 13.48 -3.55 -21.35
CA VAL A 165 13.55 -2.18 -20.87
C VAL A 165 14.90 -1.57 -21.12
N PRO A 166 15.00 -0.58 -22.02
CA PRO A 166 16.27 0.12 -22.19
C PRO A 166 16.52 1.08 -21.01
N GLU A 167 17.78 1.51 -20.85
CA GLU A 167 18.16 2.44 -19.79
C GLU A 167 17.50 3.80 -19.90
N LYS A 168 17.02 4.18 -21.10
CA LYS A 168 16.28 5.44 -21.26
C LYS A 168 14.95 5.31 -20.47
N TRP A 169 14.31 4.13 -20.49
CA TRP A 169 13.08 3.88 -19.75
C TRP A 169 13.38 3.64 -18.29
N ALA A 170 14.42 2.85 -18.00
CA ALA A 170 14.82 2.56 -16.63
C ALA A 170 15.13 3.84 -15.86
N LYS A 171 15.80 4.86 -16.48
CA LYS A 171 16.10 6.16 -15.85
C LYS A 171 14.77 6.79 -15.37
N PHE A 172 13.78 6.79 -16.28
CA PHE A 172 12.47 7.32 -16.05
C PHE A 172 11.76 6.64 -14.88
N TYR A 173 11.52 5.30 -14.95
CA TYR A 173 10.78 4.60 -13.92
C TYR A 173 11.45 4.66 -12.61
N THR A 174 12.80 4.64 -12.58
CA THR A 174 13.53 4.75 -11.32
C THR A 174 13.38 6.14 -10.69
N ALA A 175 13.49 7.22 -11.50
CA ALA A 175 13.30 8.60 -11.04
C ALA A 175 11.89 8.83 -10.42
N GLU A 176 10.83 8.32 -11.11
CA GLU A 176 9.45 8.39 -10.63
C GLU A 176 9.35 7.64 -9.31
N VAL A 177 10.05 6.49 -9.15
CA VAL A 177 10.07 5.76 -7.88
C VAL A 177 10.82 6.52 -6.77
N VAL A 178 11.91 7.20 -7.13
CA VAL A 178 12.68 7.98 -6.16
C VAL A 178 11.82 9.12 -5.64
N LEU A 179 11.08 9.80 -6.53
CA LEU A 179 10.19 10.88 -6.11
C LEU A 179 8.99 10.37 -5.34
N ALA A 180 8.45 9.20 -5.69
CA ALA A 180 7.30 8.68 -4.96
C ALA A 180 7.72 8.32 -3.53
N LEU A 181 8.89 7.69 -3.38
CA LEU A 181 9.38 7.36 -2.06
C LEU A 181 9.69 8.60 -1.28
N ASP A 182 10.24 9.65 -1.92
CA ASP A 182 10.51 10.89 -1.22
C ASP A 182 9.24 11.54 -0.67
N ALA A 183 8.13 11.41 -1.41
CA ALA A 183 6.83 11.92 -0.97
C ALA A 183 6.34 11.15 0.25
N ILE A 184 6.57 9.81 0.29
CA ILE A 184 6.20 8.96 1.42
C ILE A 184 7.10 9.31 2.62
N HIS A 185 8.40 9.41 2.40
CA HIS A 185 9.35 9.77 3.46
C HIS A 185 9.02 11.17 3.98
N SER A 186 8.59 12.11 3.09
CA SER A 186 8.18 13.47 3.45
C SER A 186 7.00 13.42 4.45
N MET A 187 6.08 12.50 4.24
CA MET A 187 4.96 12.27 5.13
C MET A 187 5.33 11.54 6.43
N GLY A 188 6.61 11.21 6.62
CA GLY A 188 7.12 10.56 7.82
C GLY A 188 6.88 9.07 7.83
N LEU A 189 6.95 8.45 6.66
CA LEU A 189 6.73 7.01 6.55
C LEU A 189 7.84 6.33 5.81
N ILE A 190 8.02 5.04 6.10
CA ILE A 190 8.94 4.15 5.42
C ILE A 190 8.04 3.14 4.69
N HIS A 191 8.22 2.97 3.38
CA HIS A 191 7.41 2.02 2.61
C HIS A 191 7.57 0.58 3.09
N ARG A 192 8.79 0.03 3.03
CA ARG A 192 9.20 -1.31 3.45
C ARG A 192 8.80 -2.44 2.50
N ASP A 193 8.04 -2.14 1.44
CA ASP A 193 7.68 -3.16 0.46
C ASP A 193 7.76 -2.58 -0.93
N VAL A 194 8.88 -1.93 -1.25
CA VAL A 194 9.10 -1.40 -2.59
C VAL A 194 9.45 -2.55 -3.57
N LYS A 195 8.56 -2.79 -4.53
CA LYS A 195 8.72 -3.81 -5.56
C LYS A 195 7.92 -3.40 -6.78
N PRO A 196 8.28 -3.89 -7.99
CA PRO A 196 7.51 -3.50 -9.17
C PRO A 196 6.02 -3.86 -9.13
N ASP A 197 5.63 -4.80 -8.27
CA ASP A 197 4.25 -5.20 -8.08
C ASP A 197 3.42 -4.07 -7.48
N ASN A 198 4.04 -3.21 -6.68
CA ASN A 198 3.36 -2.09 -6.06
C ASN A 198 3.59 -0.76 -6.81
N MET A 199 3.98 -0.83 -8.07
CA MET A 199 4.22 0.36 -8.86
C MET A 199 3.27 0.29 -10.00
N LEU A 200 2.22 1.11 -9.96
CA LEU A 200 1.21 1.08 -10.99
C LEU A 200 1.32 2.21 -11.96
N LEU A 201 0.84 1.99 -13.17
CA LEU A 201 0.84 2.98 -14.22
C LEU A 201 -0.56 3.53 -14.44
N ASP A 202 -0.66 4.87 -14.46
CA ASP A 202 -1.93 5.56 -14.69
C ASP A 202 -2.34 5.53 -16.17
N LYS A 203 -3.46 6.16 -16.52
CA LYS A 203 -3.93 6.18 -17.91
C LYS A 203 -2.90 6.77 -18.93
N HIS A 204 -1.86 7.51 -18.47
CA HIS A 204 -0.86 8.05 -19.39
C HIS A 204 0.51 7.36 -19.32
N GLY A 205 0.67 6.34 -18.47
CA GLY A 205 1.92 5.62 -18.37
C GLY A 205 2.88 6.13 -17.30
N HIS A 206 2.36 6.98 -16.39
CA HIS A 206 3.12 7.50 -15.26
C HIS A 206 2.84 6.68 -14.03
N LEU A 207 3.83 6.64 -13.14
CA LEU A 207 3.80 5.84 -11.94
C LEU A 207 3.03 6.44 -10.79
N LYS A 208 2.45 5.54 -9.98
CA LYS A 208 1.80 5.81 -8.71
C LYS A 208 2.03 4.58 -7.82
N LEU A 209 2.37 4.77 -6.54
CA LEU A 209 2.52 3.65 -5.61
C LEU A 209 1.13 3.33 -5.06
N ALA A 210 0.71 2.03 -5.07
CA ALA A 210 -0.65 1.71 -4.64
C ALA A 210 -0.81 0.83 -3.38
N ASP A 211 0.21 0.02 -3.02
CA ASP A 211 0.05 -0.80 -1.82
C ASP A 211 0.86 -0.17 -0.72
N PHE A 212 0.27 -0.01 0.49
CA PHE A 212 0.94 0.60 1.63
C PHE A 212 0.82 -0.18 2.93
N GLY A 213 0.47 -1.47 2.81
CA GLY A 213 0.28 -2.38 3.93
C GLY A 213 1.44 -2.42 4.91
N THR A 214 2.68 -2.47 4.43
CA THR A 214 3.86 -2.52 5.31
C THR A 214 4.37 -1.15 5.80
N CYS A 215 3.71 -0.01 5.46
CA CYS A 215 4.14 1.32 5.89
C CYS A 215 4.30 1.43 7.38
N MET A 216 5.28 2.20 7.82
CA MET A 216 5.49 2.39 9.25
C MET A 216 5.97 3.79 9.51
N LYS A 217 5.31 4.50 10.48
CA LYS A 217 5.62 5.89 10.80
C LYS A 217 6.97 5.94 11.48
N MET A 218 7.85 6.85 11.02
CA MET A 218 9.18 7.00 11.62
C MET A 218 9.07 7.81 12.91
N ASP A 219 10.03 7.62 13.82
CA ASP A 219 10.07 8.44 15.04
C ASP A 219 10.74 9.81 14.71
N GLU A 220 10.88 10.72 15.69
CA GLU A 220 11.51 12.03 15.43
C GLU A 220 12.96 11.92 14.88
N THR A 221 13.60 10.73 14.94
CA THR A 221 14.94 10.58 14.38
C THR A 221 14.93 9.91 12.98
N GLY A 222 13.76 9.81 12.35
CA GLY A 222 13.61 9.17 11.03
C GLY A 222 13.90 7.68 11.01
N MET A 223 13.80 7.06 12.20
CA MET A 223 14.09 5.67 12.51
C MET A 223 12.87 4.89 12.96
N VAL A 224 12.97 3.58 12.92
CA VAL A 224 11.87 2.70 13.23
C VAL A 224 12.41 1.54 14.10
N HIS A 225 11.59 1.05 15.02
CA HIS A 225 11.97 -0.09 15.84
C HIS A 225 11.06 -1.22 15.47
N CYS A 226 11.62 -2.21 14.76
CA CYS A 226 10.83 -3.34 14.35
C CYS A 226 11.58 -4.61 14.56
N ASP A 227 10.90 -5.62 15.13
CA ASP A 227 11.53 -6.92 15.32
C ASP A 227 10.91 -7.99 14.39
N THR A 228 10.36 -7.57 13.25
CA THR A 228 9.73 -8.48 12.32
C THR A 228 10.08 -8.12 10.90
N ALA A 229 10.57 -9.14 10.16
CA ALA A 229 10.92 -8.96 8.76
C ALA A 229 9.61 -8.81 7.95
N VAL A 230 9.57 -7.79 7.10
CA VAL A 230 8.43 -7.48 6.24
C VAL A 230 8.94 -7.26 4.80
N GLY A 231 8.03 -7.37 3.83
CA GLY A 231 8.37 -7.15 2.44
C GLY A 231 8.44 -8.41 1.63
N THR A 232 8.96 -8.32 0.42
CA THR A 232 9.05 -9.48 -0.47
C THR A 232 10.47 -10.04 -0.44
N PRO A 233 10.61 -11.36 -0.32
CA PRO A 233 11.95 -11.95 -0.21
C PRO A 233 13.04 -11.37 -1.10
N ASP A 234 12.78 -11.20 -2.39
CA ASP A 234 13.77 -10.68 -3.30
C ASP A 234 14.22 -9.27 -3.03
N TYR A 235 13.39 -8.47 -2.36
CA TYR A 235 13.70 -7.06 -2.15
C TYR A 235 13.97 -6.67 -0.74
N ILE A 236 13.96 -7.62 0.23
CA ILE A 236 14.20 -7.23 1.62
C ILE A 236 15.65 -6.84 1.77
N SER A 237 15.93 -5.66 2.37
CA SER A 237 17.29 -5.20 2.68
C SER A 237 17.88 -6.06 3.83
N PRO A 238 19.22 -6.13 3.93
CA PRO A 238 19.82 -6.87 5.05
C PRO A 238 19.38 -6.38 6.44
N GLU A 239 19.20 -5.06 6.63
CA GLU A 239 18.79 -4.54 7.95
C GLU A 239 17.40 -5.02 8.37
N VAL A 240 16.46 -5.11 7.40
CA VAL A 240 15.12 -5.61 7.69
C VAL A 240 15.17 -7.13 7.91
N LEU A 241 16.05 -7.86 7.21
CA LEU A 241 16.21 -9.30 7.46
C LEU A 241 16.75 -9.49 8.88
N LYS A 242 17.85 -8.79 9.23
CA LYS A 242 18.47 -8.87 10.56
C LYS A 242 17.46 -8.52 11.68
N SER A 243 16.56 -7.55 11.44
CA SER A 243 15.56 -7.15 12.43
C SER A 243 14.74 -8.31 12.97
N GLN A 244 14.53 -9.35 12.17
CA GLN A 244 13.81 -10.54 12.61
C GLN A 244 14.42 -11.20 13.85
N GLY A 245 15.73 -11.13 14.00
CA GLY A 245 16.38 -11.69 15.17
C GLY A 245 16.31 -10.84 16.42
N GLY A 246 15.55 -9.74 16.37
CA GLY A 246 15.40 -8.79 17.47
C GLY A 246 16.27 -7.57 17.28
N ASP A 247 16.08 -6.54 18.14
CA ASP A 247 16.86 -5.29 18.12
C ASP A 247 16.93 -4.65 16.72
N GLY A 248 15.78 -4.53 16.06
CA GLY A 248 15.73 -3.91 14.74
C GLY A 248 15.61 -2.42 14.87
N PHE A 249 16.57 -1.70 14.28
CA PHE A 249 16.61 -0.24 14.30
C PHE A 249 17.14 0.25 12.98
N TYR A 250 16.26 0.69 12.11
CA TYR A 250 16.66 1.12 10.77
C TYR A 250 15.81 2.31 10.32
N GLY A 251 16.28 3.01 9.31
CA GLY A 251 15.58 4.16 8.78
C GLY A 251 15.06 3.91 7.39
N ARG A 252 14.77 5.00 6.69
CA ARG A 252 14.21 4.99 5.34
C ARG A 252 15.15 4.44 4.26
N GLU A 253 16.42 4.19 4.60
CA GLU A 253 17.38 3.66 3.63
C GLU A 253 17.05 2.24 3.15
N CYS A 254 16.19 1.50 3.87
CA CYS A 254 15.76 0.17 3.42
C CYS A 254 14.96 0.23 2.13
N ASP A 255 14.30 1.38 1.85
CA ASP A 255 13.53 1.61 0.65
C ASP A 255 14.47 1.85 -0.54
N TRP A 256 15.61 2.54 -0.31
CA TRP A 256 16.60 2.73 -1.36
C TRP A 256 17.27 1.45 -1.75
N TRP A 257 17.44 0.48 -0.82
CA TRP A 257 17.97 -0.86 -1.14
C TRP A 257 17.05 -1.49 -2.19
N SER A 258 15.75 -1.51 -1.92
CA SER A 258 14.74 -2.10 -2.79
C SER A 258 14.68 -1.43 -4.18
N VAL A 259 14.98 -0.10 -4.25
CA VAL A 259 15.07 0.63 -5.50
C VAL A 259 16.17 0.01 -6.35
N GLY A 260 17.33 -0.25 -5.76
CA GLY A 260 18.46 -0.86 -6.43
C GLY A 260 18.17 -2.26 -6.92
N VAL A 261 17.39 -3.04 -6.15
CA VAL A 261 16.97 -4.39 -6.57
C VAL A 261 16.07 -4.26 -7.78
N PHE A 262 15.12 -3.30 -7.74
CA PHE A 262 14.19 -2.98 -8.81
C PHE A 262 14.95 -2.57 -10.06
N LEU A 263 15.92 -1.64 -9.97
CA LEU A 263 16.72 -1.20 -11.13
C LEU A 263 17.55 -2.36 -11.74
N TYR A 264 18.06 -3.26 -10.91
CA TYR A 264 18.79 -4.44 -11.37
C TYR A 264 17.83 -5.33 -12.15
N GLU A 265 16.66 -5.60 -11.58
CA GLU A 265 15.67 -6.44 -12.22
C GLU A 265 15.24 -5.88 -13.57
N MET A 266 15.09 -4.55 -13.66
CA MET A 266 14.72 -3.89 -14.90
C MET A 266 15.77 -4.00 -16.00
N LEU A 267 17.04 -3.85 -15.66
CA LEU A 267 18.11 -3.87 -16.65
C LEU A 267 18.67 -5.27 -16.95
N VAL A 268 18.69 -6.14 -15.97
CA VAL A 268 19.22 -7.48 -16.10
C VAL A 268 18.17 -8.52 -16.43
N GLY A 269 16.93 -8.31 -16.01
CA GLY A 269 15.85 -9.25 -16.28
C GLY A 269 15.69 -10.35 -15.26
N ASP A 270 16.53 -10.33 -14.20
CA ASP A 270 16.53 -11.28 -13.09
C ASP A 270 16.74 -10.52 -11.79
N THR A 271 16.29 -11.06 -10.64
CA THR A 271 16.52 -10.37 -9.38
C THR A 271 17.98 -10.57 -8.99
N PRO A 272 18.58 -9.56 -8.34
CA PRO A 272 20.01 -9.64 -8.05
C PRO A 272 20.43 -10.78 -7.15
N PHE A 273 19.52 -11.33 -6.34
CA PHE A 273 19.81 -12.36 -5.36
C PHE A 273 18.90 -13.55 -5.53
N TYR A 274 18.61 -13.93 -6.78
CA TYR A 274 17.73 -15.07 -7.03
C TYR A 274 18.39 -16.37 -6.55
N ALA A 275 17.58 -17.24 -5.96
CA ALA A 275 17.85 -18.60 -5.52
C ALA A 275 16.52 -19.36 -5.47
N ASP A 276 16.55 -20.70 -5.47
CA ASP A 276 15.33 -21.51 -5.44
C ASP A 276 14.63 -21.49 -4.07
N SER A 277 15.40 -21.59 -3.00
CA SER A 277 14.89 -21.48 -1.62
C SER A 277 14.72 -20.02 -1.23
N LEU A 278 13.84 -19.71 -0.26
CA LEU A 278 13.75 -18.34 0.26
C LEU A 278 15.05 -18.08 1.06
N VAL A 279 15.51 -19.09 1.85
CA VAL A 279 16.73 -19.01 2.63
C VAL A 279 17.96 -18.83 1.73
N GLY A 280 17.95 -19.38 0.52
CA GLY A 280 19.02 -19.14 -0.45
C GLY A 280 19.07 -17.67 -0.85
N THR A 281 17.90 -17.05 -1.03
CA THR A 281 17.81 -15.63 -1.34
C THR A 281 18.28 -14.81 -0.14
N TYR A 282 17.78 -15.10 1.07
CA TYR A 282 18.24 -14.42 2.29
C TYR A 282 19.76 -14.51 2.48
N SER A 283 20.39 -15.67 2.15
CA SER A 283 21.83 -15.83 2.28
C SER A 283 22.52 -14.89 1.30
N LYS A 284 22.03 -14.84 0.04
CA LYS A 284 22.63 -13.97 -0.96
C LYS A 284 22.49 -12.50 -0.60
N ILE A 285 21.36 -12.09 -0.03
CA ILE A 285 21.13 -10.71 0.34
C ILE A 285 22.15 -10.29 1.42
N MET A 286 22.29 -11.13 2.46
CA MET A 286 23.20 -10.86 3.56
C MET A 286 24.65 -10.84 3.06
N ASP A 287 24.99 -11.79 2.20
CA ASP A 287 26.32 -11.89 1.60
C ASP A 287 26.38 -11.04 0.31
N HIS A 288 25.70 -9.87 0.25
CA HIS A 288 25.66 -9.07 -0.97
C HIS A 288 26.99 -8.68 -1.51
N LYS A 289 27.98 -8.41 -0.64
CA LYS A 289 29.32 -8.02 -1.08
C LYS A 289 29.94 -9.04 -1.99
N ASN A 290 29.59 -10.32 -1.83
CA ASN A 290 30.12 -11.37 -2.69
C ASN A 290 29.11 -11.90 -3.69
N SER A 291 27.82 -11.92 -3.35
CA SER A 291 26.81 -12.49 -4.22
C SER A 291 26.31 -11.59 -5.34
N LEU A 292 26.51 -10.26 -5.24
CA LEU A 292 26.03 -9.36 -6.29
C LEU A 292 26.94 -9.36 -7.48
N CYS A 293 26.43 -9.80 -8.63
CA CYS A 293 27.23 -9.78 -9.84
C CYS A 293 26.36 -9.52 -11.08
N PHE A 294 26.94 -8.89 -12.12
CA PHE A 294 26.21 -8.63 -13.34
C PHE A 294 26.55 -9.63 -14.41
N PRO A 295 25.54 -10.26 -15.03
CA PRO A 295 25.82 -11.18 -16.12
C PRO A 295 26.66 -10.56 -17.23
N GLU A 296 27.51 -11.36 -17.88
CA GLU A 296 28.36 -10.86 -18.94
C GLU A 296 27.60 -10.52 -20.23
N ASP A 297 26.34 -10.92 -20.34
CA ASP A 297 25.46 -10.56 -21.46
C ASP A 297 24.49 -9.41 -21.11
N ALA A 298 24.49 -8.91 -19.84
CA ALA A 298 23.66 -7.82 -19.40
C ALA A 298 24.21 -6.54 -20.04
N GLU A 299 23.36 -5.91 -20.82
CA GLU A 299 23.57 -4.68 -21.57
C GLU A 299 23.29 -3.50 -20.63
N ILE A 300 24.27 -3.17 -19.80
CA ILE A 300 24.09 -2.16 -18.76
C ILE A 300 25.30 -1.20 -18.74
N SER A 301 25.07 0.10 -18.50
CA SER A 301 26.17 1.07 -18.50
C SER A 301 26.94 1.04 -17.19
N LYS A 302 28.15 1.64 -17.14
CA LYS A 302 28.92 1.71 -15.90
C LYS A 302 28.15 2.56 -14.88
N HIS A 303 27.51 3.67 -15.31
CA HIS A 303 26.70 4.49 -14.42
C HIS A 303 25.53 3.73 -13.83
N ALA A 304 24.89 2.85 -14.62
CA ALA A 304 23.75 2.09 -14.13
C ALA A 304 24.26 1.06 -13.14
N LYS A 305 25.40 0.39 -13.43
CA LYS A 305 25.99 -0.56 -12.50
C LYS A 305 26.43 0.10 -11.19
N ASN A 306 26.99 1.32 -11.25
CA ASN A 306 27.43 2.02 -10.06
C ASN A 306 26.28 2.43 -9.21
N LEU A 307 25.15 2.86 -9.81
CA LEU A 307 23.98 3.27 -9.04
C LEU A 307 23.38 2.07 -8.31
N ILE A 308 23.25 0.92 -9.00
CA ILE A 308 22.77 -0.31 -8.38
C ILE A 308 23.70 -0.72 -7.20
N CYS A 309 25.03 -0.73 -7.41
CA CYS A 309 25.96 -1.05 -6.35
C CYS A 309 25.92 -0.05 -5.21
N ALA A 310 25.67 1.22 -5.52
CA ALA A 310 25.56 2.28 -4.52
C ALA A 310 24.36 2.04 -3.61
N PHE A 311 23.28 1.47 -4.14
CA PHE A 311 22.07 1.17 -3.38
C PHE A 311 22.22 -0.18 -2.67
N LEU A 312 22.78 -1.20 -3.34
CA LEU A 312 22.92 -2.52 -2.73
C LEU A 312 24.16 -2.66 -1.88
N THR A 313 24.26 -1.88 -0.82
CA THR A 313 25.34 -1.98 0.16
C THR A 313 24.70 -1.95 1.57
N ASP A 314 25.51 -2.14 2.64
CA ASP A 314 25.00 -2.04 4.00
C ASP A 314 24.55 -0.61 4.26
N ARG A 315 23.46 -0.47 5.00
CA ARG A 315 22.83 0.82 5.28
C ARG A 315 23.79 1.96 5.63
N GLU A 316 24.87 1.64 6.34
CA GLU A 316 25.87 2.58 6.86
C GLU A 316 26.48 3.48 5.79
N VAL A 317 26.71 2.91 4.63
CA VAL A 317 27.34 3.63 3.54
C VAL A 317 26.48 3.70 2.24
N ARG A 318 25.21 3.23 2.29
CA ARG A 318 24.29 3.19 1.15
C ARG A 318 23.88 4.57 0.68
N LEU A 319 23.76 4.77 -0.64
CA LEU A 319 23.31 6.03 -1.25
C LEU A 319 21.89 6.33 -0.77
N GLY A 320 21.65 7.56 -0.35
CA GLY A 320 20.35 7.96 0.21
C GLY A 320 20.42 8.26 1.70
N ARG A 321 21.54 7.90 2.36
CA ARG A 321 21.80 8.15 3.77
C ARG A 321 21.98 9.67 4.03
N ASN A 322 22.50 10.41 3.04
CA ASN A 322 22.67 11.87 3.15
C ASN A 322 21.55 12.63 2.39
N GLY A 323 20.38 12.02 2.28
CA GLY A 323 19.27 12.65 1.57
C GLY A 323 19.12 12.21 0.12
N VAL A 324 17.96 12.55 -0.45
CA VAL A 324 17.59 12.20 -1.81
C VAL A 324 18.39 12.98 -2.86
N GLU A 325 19.07 14.09 -2.50
CA GLU A 325 19.79 14.86 -3.51
C GLU A 325 20.99 14.13 -4.07
N GLU A 326 21.70 13.30 -3.27
CA GLU A 326 22.82 12.51 -3.80
C GLU A 326 22.34 11.36 -4.74
N ILE A 327 21.05 11.00 -4.68
CA ILE A 327 20.45 10.02 -5.59
C ILE A 327 20.15 10.79 -6.89
N ARG A 328 19.44 11.92 -6.78
CA ARG A 328 19.07 12.75 -7.90
C ARG A 328 20.23 13.21 -8.75
N GLN A 329 21.43 13.40 -8.15
CA GLN A 329 22.52 13.85 -8.99
C GLN A 329 23.48 12.74 -9.41
N HIS A 330 23.02 11.47 -9.34
CA HIS A 330 23.85 10.37 -9.83
C HIS A 330 23.89 10.48 -11.35
N PRO A 331 25.08 10.37 -11.95
CA PRO A 331 25.18 10.49 -13.42
C PRO A 331 24.25 9.60 -14.23
N PHE A 332 23.75 8.47 -13.66
CA PHE A 332 22.84 7.58 -14.35
C PHE A 332 21.58 8.33 -14.80
N PHE A 333 21.10 9.31 -14.00
CA PHE A 333 19.90 10.06 -14.37
C PHE A 333 20.14 11.15 -15.42
N LYS A 334 21.39 11.39 -15.85
CA LYS A 334 21.68 12.40 -16.89
C LYS A 334 20.96 12.00 -18.18
N ASN A 335 19.96 12.81 -18.58
CA ASN A 335 19.16 12.53 -19.77
C ASN A 335 18.68 13.82 -20.47
N ASP A 336 18.25 13.74 -21.75
CA ASP A 336 17.76 14.93 -22.44
C ASP A 336 16.24 14.93 -22.69
N GLN A 337 15.46 14.33 -21.76
CA GLN A 337 14.02 14.24 -21.95
C GLN A 337 13.24 14.83 -20.81
N TRP A 338 13.75 14.75 -19.58
CA TRP A 338 13.05 15.26 -18.41
C TRP A 338 14.00 15.89 -17.38
N HIS A 339 13.42 16.63 -16.44
CA HIS A 339 14.08 17.22 -15.27
C HIS A 339 13.35 16.68 -14.05
N TRP A 340 14.01 16.65 -12.89
CA TRP A 340 13.38 16.15 -11.67
C TRP A 340 12.15 16.96 -11.29
N ASP A 341 12.14 18.25 -11.59
CA ASP A 341 10.98 19.10 -11.26
C ASP A 341 9.80 18.95 -12.22
N ASN A 342 10.00 18.35 -13.42
CA ASN A 342 8.90 18.21 -14.38
C ASN A 342 8.69 16.81 -14.93
N ILE A 343 9.39 15.78 -14.41
CA ILE A 343 9.33 14.43 -14.97
C ILE A 343 7.92 13.91 -15.18
N ARG A 344 6.98 14.27 -14.29
CA ARG A 344 5.62 13.74 -14.41
C ARG A 344 4.80 14.41 -15.54
N GLU A 345 5.25 15.58 -16.02
CA GLU A 345 4.61 16.29 -17.13
C GLU A 345 5.13 15.80 -18.49
N THR A 346 6.24 15.04 -18.53
CA THR A 346 6.82 14.57 -19.77
C THR A 346 6.13 13.26 -20.28
N ALA A 347 6.45 12.85 -21.51
CA ALA A 347 5.91 11.64 -22.11
C ALA A 347 6.52 10.40 -21.46
N ALA A 348 5.65 9.47 -21.07
CA ALA A 348 6.07 8.21 -20.50
C ALA A 348 6.60 7.31 -21.61
N PRO A 349 7.56 6.43 -21.31
CA PRO A 349 8.10 5.52 -22.33
C PRO A 349 7.05 4.70 -23.07
N VAL A 350 6.04 4.20 -22.31
CA VAL A 350 4.99 3.32 -22.77
C VAL A 350 3.66 3.89 -22.34
N VAL A 351 2.78 4.24 -23.29
CA VAL A 351 1.47 4.76 -22.94
C VAL A 351 0.48 3.65 -23.16
N PRO A 352 -0.30 3.30 -22.13
CA PRO A 352 -1.26 2.17 -22.29
C PRO A 352 -2.34 2.38 -23.37
N GLU A 353 -2.62 1.30 -24.13
CA GLU A 353 -3.64 1.29 -25.17
C GLU A 353 -4.93 0.77 -24.52
N LEU A 354 -5.94 1.65 -24.35
CA LEU A 354 -7.18 1.30 -23.65
C LEU A 354 -8.44 1.75 -24.40
N SER A 355 -9.19 0.78 -24.92
CA SER A 355 -10.41 0.97 -25.70
C SER A 355 -11.58 1.55 -24.93
N SER A 356 -11.67 1.28 -23.61
CA SER A 356 -12.83 1.71 -22.81
C SER A 356 -12.46 1.96 -21.35
N ASP A 357 -13.36 2.61 -20.58
CA ASP A 357 -13.15 2.87 -19.15
C ASP A 357 -13.06 1.60 -18.30
N ILE A 358 -13.51 0.46 -18.85
CA ILE A 358 -13.43 -0.84 -18.17
C ILE A 358 -12.40 -1.78 -18.82
N ASP A 359 -11.52 -1.24 -19.68
CA ASP A 359 -10.45 -1.99 -20.32
C ASP A 359 -9.43 -2.36 -19.25
N SER A 360 -9.29 -3.65 -18.99
CA SER A 360 -8.34 -4.14 -18.01
C SER A 360 -7.38 -5.12 -18.68
N SER A 361 -6.89 -4.76 -19.87
CA SER A 361 -6.00 -5.59 -20.66
C SER A 361 -4.59 -5.73 -20.06
N ASN A 362 -4.18 -4.75 -19.25
CA ASN A 362 -2.86 -4.82 -18.61
C ASN A 362 -2.85 -5.59 -17.30
N PHE A 363 -3.94 -6.34 -17.01
CA PHE A 363 -4.08 -7.12 -15.80
C PHE A 363 -4.44 -8.54 -16.18
N ASP A 364 -3.65 -9.51 -15.68
CA ASP A 364 -3.89 -10.93 -15.96
C ASP A 364 -5.24 -11.38 -15.40
N ASP A 365 -5.92 -12.29 -16.10
CA ASP A 365 -7.23 -12.77 -15.67
C ASP A 365 -7.10 -13.59 -14.39
N ILE A 366 -8.05 -13.42 -13.46
CA ILE A 366 -8.00 -14.16 -12.19
C ILE A 366 -9.13 -15.24 -12.13
N GLU A 367 -8.76 -16.51 -11.85
CA GLU A 367 -9.69 -17.65 -11.76
C GLU A 367 -10.39 -17.79 -10.38
N ASP A 368 -11.67 -17.34 -10.27
CA ASP A 368 -12.44 -17.38 -9.02
C ASP A 368 -12.81 -18.79 -8.56
N VAL A 373 -11.25 -17.26 3.22
CA VAL A 373 -11.98 -16.27 4.02
C VAL A 373 -13.27 -16.84 4.61
N GLU A 374 -13.12 -17.70 5.64
CA GLU A 374 -14.23 -18.32 6.37
C GLU A 374 -14.98 -17.28 7.26
N THR A 375 -15.99 -17.70 8.04
CA THR A 375 -16.71 -16.77 8.92
C THR A 375 -16.15 -16.81 10.35
N PHE A 376 -16.24 -15.67 11.07
CA PHE A 376 -15.81 -15.51 12.46
C PHE A 376 -16.62 -16.48 13.36
N PRO A 377 -16.05 -17.02 14.46
CA PRO A 377 -16.85 -17.93 15.32
C PRO A 377 -17.79 -17.19 16.27
N ILE A 378 -18.91 -17.81 16.65
CA ILE A 378 -19.85 -17.18 17.58
C ILE A 378 -19.24 -17.14 18.99
N PRO A 379 -19.08 -15.93 19.55
CA PRO A 379 -18.38 -15.80 20.84
C PRO A 379 -19.17 -16.16 22.10
N LYS A 380 -18.54 -16.87 23.03
CA LYS A 380 -19.18 -17.24 24.30
C LYS A 380 -19.23 -16.01 25.21
N ALA A 381 -18.12 -15.24 25.26
CA ALA A 381 -17.97 -13.99 26.01
C ALA A 381 -17.63 -12.87 25.02
N PHE A 382 -17.77 -11.59 25.44
CA PHE A 382 -17.46 -10.46 24.55
C PHE A 382 -16.03 -10.52 24.05
N VAL A 383 -15.87 -10.53 22.72
CA VAL A 383 -14.55 -10.57 22.10
C VAL A 383 -14.17 -9.24 21.47
N GLY A 384 -15.15 -8.53 20.93
CA GLY A 384 -14.90 -7.25 20.30
C GLY A 384 -14.03 -7.35 19.07
N ASN A 385 -14.37 -8.29 18.18
CA ASN A 385 -13.63 -8.51 16.94
C ASN A 385 -13.74 -7.34 15.94
N GLN A 386 -14.83 -6.58 15.97
CA GLN A 386 -14.98 -5.41 15.10
C GLN A 386 -14.38 -4.15 15.72
N LEU A 387 -13.77 -4.22 16.92
CA LEU A 387 -13.17 -3.05 17.55
C LEU A 387 -11.96 -2.50 16.79
N PRO A 388 -10.99 -3.32 16.30
CA PRO A 388 -9.87 -2.75 15.54
C PRO A 388 -10.28 -1.99 14.27
N PHE A 389 -11.54 -2.13 13.82
CA PHE A 389 -12.03 -1.50 12.60
C PHE A 389 -12.82 -0.19 12.81
N ILE A 390 -12.94 0.27 14.06
CA ILE A 390 -13.67 1.50 14.35
C ILE A 390 -12.91 2.71 13.85
N GLY A 391 -13.51 3.43 12.92
CA GLY A 391 -12.88 4.60 12.33
C GLY A 391 -12.26 4.34 10.98
N PHE A 392 -12.54 3.18 10.39
CA PHE A 392 -12.03 2.87 9.06
C PHE A 392 -12.84 3.66 8.02
N THR A 393 -14.17 3.77 8.23
CA THR A 393 -15.06 4.51 7.32
C THR A 393 -14.55 5.96 7.10
N TYR A 394 -14.51 6.37 5.81
CA TYR A 394 -14.07 7.67 5.37
C TYR A 394 -14.81 8.00 4.05
N TYR A 395 -15.37 9.21 3.91
CA TYR A 395 -16.00 9.62 2.66
C TYR A 395 -15.34 10.92 2.27
N ARG A 396 -14.77 11.00 1.05
CA ARG A 396 -14.10 12.21 0.52
C ARG A 396 -15.12 13.30 0.26
C2 A1IUI B . -5.64 -1.02 -10.46
C3 A1IUI B . -5.03 -2.05 -9.73
C11 A1IUI B . -3.53 -3.94 -8.22
C12 A1IUI B . -2.16 -3.79 -8.36
C13 A1IUI B . -1.39 -4.80 -8.95
C14 A1IUI B . -1.97 -5.99 -9.40
C15 A1IUI B . -3.37 -6.16 -9.27
C16 A1IUI B . -4.14 -5.14 -8.67
C18 A1IUI B . -1.35 -8.32 -10.30
C19 A1IUI B . -0.69 -9.09 -9.12
C20 A1IUI B . 0.81 -8.69 -8.98
C21 A1IUI B . 1.56 -9.06 -10.29
C23 A1IUI B . -0.57 -8.66 -11.60
N1 A1IUI B . -5.93 0.18 -9.89
C4 A1IUI B . -4.74 -1.90 -8.37
C5 A1IUI B . -5.07 -0.67 -7.83
C6 A1IUI B . -5.64 0.34 -8.59
C7 A1IUI B . -4.95 -0.05 -6.47
C8 A1IUI B . -5.43 1.19 -6.58
N9 A1IUI B . -5.82 1.43 -7.79
N10 A1IUI B . -4.23 -2.93 -7.63
O17 A1IUI B . -1.14 -6.93 -10.04
N22 A1IUI B . 0.91 -8.45 -11.48
#